data_9O99
#
_entry.id   9O99
#
_cell.length_a   49.205
_cell.length_b   63.135
_cell.length_c   87.451
_cell.angle_alpha   90.00
_cell.angle_beta   90.00
_cell.angle_gamma   90.00
#
_symmetry.space_group_name_H-M   'P 21 21 21'
#
loop_
_entity.id
_entity.type
_entity.pdbx_description
1 polymer 'IL-2 Surrogate Cytokine Agonist DR638'
2 water water
#
_entity_poly.entity_id   1
_entity_poly.type   'polypeptide(L)'
_entity_poly.pdbx_seq_one_letter_code
;QVQLQESGGGLVQPGGSLRLSCTASGFSFSSYPMTWARQAPGKGLEWVSTIASDGGSTAYAASVEGRFTISRDNAKSTLY
LQLNSLKTEDTAMYYCTKGYGDGTPAPGQGTQVTVSSGGGSQVQLQESGGGSVQVGGSLRLSCATSGDTKSIRCMGWFRQ
TPGKEREGIAAIDREGFATYADSVYDRFTIAQDNAQNTLYLEMNALKPEDTAMYYCAAQNMCRVVRGAMTGVDYWGKGTQ
VTVSSASHHHHHH
;
_entity_poly.pdbx_strand_id   A
#
# COMPACT_ATOMS: atom_id res chain seq x y z
N GLN A 1 -21.23 -3.27 -17.72
CA GLN A 1 -20.03 -3.10 -18.54
C GLN A 1 -18.76 -3.15 -17.70
N VAL A 2 -17.85 -4.04 -18.07
CA VAL A 2 -16.59 -4.19 -17.34
C VAL A 2 -15.66 -3.02 -17.62
N GLN A 3 -15.33 -2.27 -16.57
CA GLN A 3 -14.44 -1.12 -16.70
C GLN A 3 -13.36 -1.22 -15.63
N LEU A 4 -12.12 -1.23 -16.12
CA LEU A 4 -10.94 -1.37 -15.28
C LEU A 4 -10.00 -0.20 -15.52
N GLN A 5 -9.36 0.32 -14.46
CA GLN A 5 -8.38 1.40 -14.62
C GLN A 5 -7.15 1.15 -13.72
N GLU A 6 -5.99 0.92 -14.34
CA GLU A 6 -4.75 0.73 -13.59
C GLU A 6 -4.11 2.06 -13.19
N SER A 7 -3.37 2.05 -12.07
CA SER A 7 -2.57 3.18 -11.63
C SER A 7 -1.41 2.67 -10.77
N GLY A 8 -0.46 3.57 -10.49
CA GLY A 8 0.56 3.34 -9.46
C GLY A 8 1.91 2.99 -10.11
N GLY A 9 1.93 2.91 -11.44
CA GLY A 9 3.16 2.65 -12.15
C GLY A 9 4.12 3.82 -11.98
N GLY A 10 5.38 3.60 -12.39
CA GLY A 10 6.35 4.67 -12.32
C GLY A 10 7.75 4.17 -12.64
N LEU A 11 8.74 5.02 -12.34
CA LEU A 11 10.13 4.78 -12.69
C LEU A 11 10.91 4.62 -11.39
N VAL A 12 11.58 3.47 -11.21
CA VAL A 12 12.34 3.17 -10.01
C VAL A 12 13.67 2.57 -10.46
N GLN A 13 14.58 2.38 -9.54
CA GLN A 13 15.81 1.68 -9.82
C GLN A 13 15.65 0.21 -9.44
N PRO A 14 16.51 -0.68 -9.96
CA PRO A 14 16.52 -2.05 -9.49
C PRO A 14 16.56 -2.12 -7.97
N GLY A 15 15.77 -3.04 -7.42
CA GLY A 15 15.68 -3.29 -6.02
C GLY A 15 14.57 -2.45 -5.38
N GLY A 16 13.97 -1.56 -6.16
CA GLY A 16 12.90 -0.70 -5.69
C GLY A 16 11.55 -1.43 -5.61
N SER A 17 10.51 -0.70 -5.17
CA SER A 17 9.17 -1.26 -5.02
C SER A 17 8.12 -0.28 -5.55
N LEU A 18 6.99 -0.87 -6.00
CA LEU A 18 5.83 -0.13 -6.54
C LEU A 18 4.59 -0.89 -6.08
N ARG A 19 3.47 -0.16 -6.03
CA ARG A 19 2.20 -0.80 -5.70
C ARG A 19 1.22 -0.34 -6.76
N LEU A 20 0.75 -1.30 -7.57
CA LEU A 20 -0.22 -1.00 -8.61
C LEU A 20 -1.61 -1.18 -8.05
N SER A 21 -2.53 -0.31 -8.48
CA SER A 21 -3.94 -0.43 -8.19
C SER A 21 -4.71 -0.60 -9.49
N CYS A 22 -5.84 -1.31 -9.39
CA CYS A 22 -6.75 -1.40 -10.52
C CYS A 22 -8.17 -1.22 -9.99
N THR A 23 -8.84 -0.11 -10.34
CA THR A 23 -10.16 0.16 -9.80
C THR A 23 -11.19 -0.38 -10.79
N ALA A 24 -12.18 -1.11 -10.28
CA ALA A 24 -13.19 -1.76 -11.11
C ALA A 24 -14.54 -1.10 -10.91
N SER A 25 -15.26 -1.02 -12.03
CA SER A 25 -16.67 -0.66 -11.93
C SER A 25 -17.46 -1.33 -13.04
N GLY A 26 -18.79 -1.28 -12.87
CA GLY A 26 -19.74 -1.74 -13.87
C GLY A 26 -20.06 -3.22 -13.83
N PHE A 27 -19.56 -3.96 -12.81
CA PHE A 27 -19.81 -5.38 -12.67
C PHE A 27 -19.54 -5.79 -11.23
N SER A 28 -20.06 -6.95 -10.84
CA SER A 28 -19.87 -7.45 -9.48
C SER A 28 -18.43 -7.93 -9.31
N PHE A 29 -17.53 -6.99 -9.01
CA PHE A 29 -16.09 -7.25 -8.93
C PHE A 29 -15.80 -8.41 -7.97
N SER A 30 -16.47 -8.42 -6.82
CA SER A 30 -16.25 -9.41 -5.78
C SER A 30 -16.70 -10.83 -6.15
N SER A 31 -17.39 -11.01 -7.29
CA SER A 31 -17.84 -12.30 -7.74
C SER A 31 -16.79 -12.97 -8.63
N TYR A 32 -15.73 -12.27 -9.03
CA TYR A 32 -14.88 -12.82 -10.08
C TYR A 32 -13.42 -12.94 -9.64
N PRO A 33 -12.69 -13.92 -10.23
CA PRO A 33 -11.24 -13.89 -10.12
C PRO A 33 -10.74 -12.73 -10.95
N MET A 34 -9.53 -12.23 -10.63
CA MET A 34 -8.93 -11.10 -11.33
C MET A 34 -7.48 -11.42 -11.57
N THR A 35 -6.93 -10.83 -12.64
CA THR A 35 -5.59 -11.14 -13.13
C THR A 35 -4.79 -9.88 -13.47
N TRP A 36 -3.47 -9.94 -13.23
CA TRP A 36 -2.50 -8.99 -13.77
C TRP A 36 -1.66 -9.73 -14.82
N ALA A 37 -1.36 -9.00 -15.90
CA ALA A 37 -0.52 -9.42 -17.00
C ALA A 37 0.30 -8.19 -17.40
N ARG A 38 1.32 -8.38 -18.24
CA ARG A 38 2.25 -7.31 -18.54
C ARG A 38 2.80 -7.54 -19.94
N GLN A 39 3.10 -6.42 -20.61
CA GLN A 39 3.64 -6.45 -21.95
C GLN A 39 4.88 -5.57 -22.04
N ALA A 40 5.98 -6.23 -22.32
CA ALA A 40 7.30 -5.63 -22.43
C ALA A 40 7.52 -5.27 -23.88
N PRO A 41 8.38 -4.29 -24.20
CA PRO A 41 8.47 -3.77 -25.57
C PRO A 41 8.82 -4.95 -26.50
N GLY A 42 8.03 -5.10 -27.56
CA GLY A 42 8.22 -6.15 -28.57
C GLY A 42 8.02 -7.58 -28.06
N LYS A 43 7.30 -7.77 -26.94
CA LYS A 43 6.99 -9.11 -26.46
C LYS A 43 5.47 -9.29 -26.38
N GLY A 44 5.02 -10.52 -26.15
CA GLY A 44 3.61 -10.82 -26.01
C GLY A 44 3.10 -10.42 -24.63
N LEU A 45 1.77 -10.49 -24.41
CA LEU A 45 1.18 -10.26 -23.10
C LEU A 45 1.49 -11.47 -22.22
N GLU A 46 2.22 -11.26 -21.10
CA GLU A 46 2.66 -12.29 -20.19
C GLU A 46 1.74 -12.28 -18.96
N TRP A 47 1.18 -13.45 -18.63
CA TRP A 47 0.46 -13.65 -17.38
C TRP A 47 1.39 -13.47 -16.16
N VAL A 48 0.95 -12.67 -15.17
CA VAL A 48 1.73 -12.40 -13.97
C VAL A 48 1.13 -13.06 -12.74
N SER A 49 -0.18 -12.85 -12.50
CA SER A 49 -0.77 -13.30 -11.25
C SER A 49 -2.29 -13.29 -11.35
N THR A 50 -2.93 -14.23 -10.65
CA THR A 50 -4.38 -14.33 -10.54
C THR A 50 -4.76 -14.49 -9.08
N ILE A 51 -5.87 -13.83 -8.67
CA ILE A 51 -6.42 -13.97 -7.34
C ILE A 51 -7.92 -14.33 -7.39
N ALA A 52 -8.33 -15.21 -6.49
CA ALA A 52 -9.71 -15.62 -6.41
C ALA A 52 -10.60 -14.43 -6.05
N SER A 53 -11.88 -14.58 -6.39
CA SER A 53 -12.94 -13.63 -6.10
C SER A 53 -12.88 -13.11 -4.68
N ASP A 54 -12.72 -14.03 -3.71
CA ASP A 54 -12.75 -13.70 -2.28
C ASP A 54 -11.37 -13.43 -1.70
N GLY A 55 -10.31 -13.45 -2.54
CA GLY A 55 -8.99 -13.14 -2.05
C GLY A 55 -8.23 -14.32 -1.43
N GLY A 56 -8.83 -15.51 -1.35
CA GLY A 56 -8.31 -16.59 -0.53
C GLY A 56 -7.40 -17.54 -1.31
N SER A 57 -7.24 -17.30 -2.62
CA SER A 57 -6.40 -18.15 -3.47
C SER A 57 -5.58 -17.25 -4.39
N THR A 58 -4.32 -17.62 -4.69
CA THR A 58 -3.47 -16.80 -5.54
C THR A 58 -2.60 -17.73 -6.36
N ALA A 59 -2.09 -17.18 -7.42
CA ALA A 59 -1.12 -17.90 -8.26
C ALA A 59 -0.22 -16.87 -8.92
N TYR A 60 1.03 -17.29 -9.21
CA TYR A 60 2.02 -16.37 -9.75
C TYR A 60 2.86 -17.05 -10.83
N ALA A 61 3.27 -16.28 -11.81
CA ALA A 61 4.29 -16.71 -12.78
C ALA A 61 5.58 -17.01 -12.06
N ALA A 62 6.32 -18.04 -12.52
CA ALA A 62 7.59 -18.39 -11.91
C ALA A 62 8.54 -17.19 -11.80
N SER A 63 8.56 -16.30 -12.79
CA SER A 63 9.50 -15.17 -12.84
C SER A 63 9.24 -14.13 -11.74
N VAL A 64 8.05 -14.13 -11.13
CA VAL A 64 7.76 -13.12 -10.12
C VAL A 64 7.47 -13.73 -8.74
N GLU A 65 7.38 -15.07 -8.65
CA GLU A 65 7.11 -15.77 -7.41
C GLU A 65 8.11 -15.37 -6.33
N GLY A 66 7.59 -14.97 -5.16
CA GLY A 66 8.42 -14.52 -4.05
C GLY A 66 8.76 -13.01 -4.07
N ARG A 67 8.46 -12.30 -5.17
CA ARG A 67 8.74 -10.87 -5.29
C ARG A 67 7.43 -10.07 -5.39
N PHE A 68 6.41 -10.59 -6.08
CA PHE A 68 5.16 -9.87 -6.24
C PHE A 68 4.08 -10.50 -5.39
N THR A 69 3.11 -9.67 -4.95
CA THR A 69 1.99 -10.14 -4.15
C THR A 69 0.70 -9.49 -4.64
N ILE A 70 -0.27 -10.33 -4.98
CA ILE A 70 -1.56 -9.89 -5.47
C ILE A 70 -2.48 -9.82 -4.27
N SER A 71 -3.35 -8.82 -4.29
CA SER A 71 -4.36 -8.73 -3.24
C SER A 71 -5.56 -7.95 -3.75
N ARG A 72 -6.64 -7.88 -2.96
CA ARG A 72 -7.78 -7.12 -3.42
C ARG A 72 -8.57 -6.59 -2.22
N ASP A 73 -9.31 -5.52 -2.46
CA ASP A 73 -10.23 -4.97 -1.44
C ASP A 73 -11.62 -4.91 -2.04
N ASN A 74 -12.42 -5.92 -1.76
CA ASN A 74 -13.71 -6.08 -2.38
C ASN A 74 -14.66 -4.96 -1.93
N ALA A 75 -14.51 -4.46 -0.70
CA ALA A 75 -15.33 -3.32 -0.27
C ALA A 75 -15.06 -2.06 -1.12
N LYS A 76 -13.86 -1.93 -1.73
CA LYS A 76 -13.50 -0.77 -2.55
C LYS A 76 -13.37 -1.09 -4.05
N SER A 77 -13.79 -2.30 -4.42
CA SER A 77 -13.73 -2.76 -5.79
C SER A 77 -12.37 -2.49 -6.40
N THR A 78 -11.29 -2.76 -5.64
CA THR A 78 -9.96 -2.49 -6.17
C THR A 78 -9.05 -3.73 -6.03
N LEU A 79 -8.20 -3.93 -7.05
CA LEU A 79 -7.24 -5.01 -7.13
C LEU A 79 -5.85 -4.38 -6.96
N TYR A 80 -4.94 -5.05 -6.26
CA TYR A 80 -3.59 -4.52 -6.10
C TYR A 80 -2.55 -5.55 -6.56
N LEU A 81 -1.42 -5.01 -7.01
CA LEU A 81 -0.21 -5.79 -7.18
C LEU A 81 0.95 -5.07 -6.48
N GLN A 82 1.51 -5.70 -5.45
CA GLN A 82 2.69 -5.21 -4.78
C GLN A 82 3.93 -5.75 -5.48
N LEU A 83 4.76 -4.86 -5.99
CA LEU A 83 5.97 -5.26 -6.72
C LEU A 83 7.19 -4.96 -5.86
N ASN A 84 7.74 -6.00 -5.23
CA ASN A 84 8.93 -5.89 -4.38
C ASN A 84 10.14 -6.34 -5.20
N SER A 85 11.32 -5.87 -4.80
CA SER A 85 12.59 -6.36 -5.36
C SER A 85 12.62 -6.30 -6.88
N LEU A 86 12.35 -5.11 -7.44
CA LEU A 86 12.07 -4.97 -8.87
C LEU A 86 13.37 -5.19 -9.65
N LYS A 87 13.24 -5.81 -10.81
CA LYS A 87 14.39 -6.02 -11.70
C LYS A 87 14.16 -5.31 -13.02
N THR A 88 15.24 -5.07 -13.81
CA THR A 88 15.12 -4.39 -15.07
C THR A 88 14.11 -5.12 -15.97
N GLU A 89 14.09 -6.46 -15.92
CA GLU A 89 13.25 -7.24 -16.82
C GLU A 89 11.77 -7.24 -16.38
N ASP A 90 11.49 -6.61 -15.26
CA ASP A 90 10.11 -6.31 -14.90
C ASP A 90 9.50 -5.10 -15.63
N THR A 91 10.31 -4.34 -16.39
CA THR A 91 9.82 -3.22 -17.18
C THR A 91 8.78 -3.70 -18.18
N ALA A 92 7.61 -3.04 -18.16
CA ALA A 92 6.48 -3.40 -18.99
C ALA A 92 5.31 -2.50 -18.68
N MET A 93 4.33 -2.50 -19.61
CA MET A 93 2.99 -1.98 -19.35
C MET A 93 2.22 -3.07 -18.62
N TYR A 94 1.58 -2.71 -17.50
CA TYR A 94 0.90 -3.69 -16.68
C TYR A 94 -0.61 -3.45 -16.80
N TYR A 95 -1.34 -4.55 -16.88
CA TYR A 95 -2.77 -4.59 -17.17
C TYR A 95 -3.47 -5.51 -16.20
N CYS A 96 -4.61 -5.03 -15.70
CA CYS A 96 -5.56 -5.79 -14.92
C CYS A 96 -6.68 -6.32 -15.85
N THR A 97 -7.12 -7.58 -15.68
CA THR A 97 -8.25 -8.13 -16.45
C THR A 97 -9.12 -8.98 -15.55
N LYS A 98 -10.41 -9.05 -15.88
CA LYS A 98 -11.31 -9.99 -15.23
C LYS A 98 -10.95 -11.41 -15.67
N GLY A 99 -11.03 -12.34 -14.73
CA GLY A 99 -10.81 -13.76 -15.00
C GLY A 99 -9.41 -14.24 -14.62
N TYR A 100 -8.90 -15.13 -15.48
CA TYR A 100 -7.76 -15.96 -15.16
C TYR A 100 -6.59 -15.76 -16.08
N GLY A 101 -6.66 -14.77 -16.97
CA GLY A 101 -5.55 -14.57 -17.88
C GLY A 101 -5.97 -14.76 -19.33
N ASP A 102 -7.22 -15.15 -19.55
CA ASP A 102 -7.73 -15.23 -20.91
C ASP A 102 -8.35 -13.92 -21.36
N GLY A 103 -8.62 -13.00 -20.43
CA GLY A 103 -9.16 -11.70 -20.81
C GLY A 103 -8.16 -10.80 -21.55
N THR A 104 -8.69 -9.91 -22.39
CA THR A 104 -7.91 -8.92 -23.15
C THR A 104 -8.19 -7.55 -22.54
N PRO A 105 -7.17 -6.71 -22.23
CA PRO A 105 -7.42 -5.37 -21.69
C PRO A 105 -8.15 -4.58 -22.77
N ALA A 106 -9.05 -3.70 -22.34
CA ALA A 106 -9.73 -2.76 -23.21
C ALA A 106 -8.76 -1.68 -23.67
N PRO A 107 -9.05 -0.96 -24.77
CA PRO A 107 -8.24 0.21 -25.09
C PRO A 107 -8.27 1.26 -23.99
N GLY A 108 -7.12 1.92 -23.79
CA GLY A 108 -7.01 2.92 -22.75
C GLY A 108 -6.44 2.38 -21.44
N GLN A 109 -6.42 1.05 -21.27
CA GLN A 109 -5.92 0.48 -20.01
C GLN A 109 -4.39 0.50 -19.95
N GLY A 110 -3.85 0.37 -18.73
CA GLY A 110 -2.44 0.09 -18.55
C GLY A 110 -1.80 1.12 -17.62
N THR A 111 -0.80 0.68 -16.87
CA THR A 111 0.07 1.54 -16.10
C THR A 111 1.51 1.07 -16.38
N GLN A 112 2.42 2.03 -16.65
CA GLN A 112 3.78 1.72 -17.06
C GLN A 112 4.70 1.58 -15.83
N VAL A 113 5.45 0.48 -15.80
CA VAL A 113 6.47 0.23 -14.78
C VAL A 113 7.81 0.22 -15.49
N THR A 114 8.76 1.07 -15.06
CA THR A 114 10.06 1.12 -15.71
C THR A 114 11.11 1.00 -14.62
N VAL A 115 12.00 0.02 -14.78
CA VAL A 115 12.98 -0.28 -13.78
C VAL A 115 14.32 -0.08 -14.49
N SER A 116 15.11 0.87 -13.97
CA SER A 116 16.25 1.37 -14.71
C SER A 116 17.29 1.91 -13.75
N SER A 117 18.57 1.63 -14.00
CA SER A 117 19.64 2.25 -13.24
C SER A 117 19.59 3.77 -13.38
N GLY A 118 18.97 4.27 -14.45
CA GLY A 118 18.88 5.70 -14.70
C GLY A 118 17.68 6.33 -14.00
N GLY A 119 16.84 5.51 -13.36
CA GLY A 119 15.76 6.07 -12.56
C GLY A 119 16.34 6.87 -11.40
N GLY A 120 15.51 7.70 -10.75
CA GLY A 120 15.98 8.47 -9.60
C GLY A 120 15.92 7.63 -8.34
N SER A 121 16.53 8.11 -7.26
CA SER A 121 16.40 7.49 -5.95
C SER A 121 15.39 8.33 -5.18
N GLN A 122 14.20 7.78 -4.94
CA GLN A 122 13.16 8.52 -4.23
C GLN A 122 12.24 7.54 -3.52
N VAL A 123 11.72 7.97 -2.37
CA VAL A 123 10.75 7.23 -1.58
C VAL A 123 9.41 7.97 -1.63
N GLN A 124 8.31 7.22 -1.75
CA GLN A 124 6.97 7.77 -1.62
C GLN A 124 6.19 6.88 -0.66
N LEU A 125 5.36 7.53 0.16
CA LEU A 125 4.52 6.86 1.13
C LEU A 125 3.07 7.26 0.80
N GLN A 126 2.18 6.28 0.94
CA GLN A 126 0.77 6.56 0.72
C GLN A 126 -0.09 5.79 1.71
N GLU A 127 -0.88 6.56 2.47
CA GLU A 127 -1.79 5.98 3.43
C GLU A 127 -3.11 5.59 2.77
N SER A 128 -3.80 4.62 3.40
CA SER A 128 -5.18 4.34 3.07
C SER A 128 -5.88 3.74 4.30
N GLY A 129 -7.22 3.68 4.20
CA GLY A 129 -7.99 2.91 5.15
C GLY A 129 -8.72 3.82 6.14
N GLY A 130 -8.66 5.15 5.97
CA GLY A 130 -9.38 6.05 6.87
C GLY A 130 -10.88 5.93 6.66
N GLY A 131 -11.66 6.30 7.66
CA GLY A 131 -13.11 6.25 7.46
C GLY A 131 -13.78 6.92 8.65
N SER A 132 -15.11 6.79 8.68
CA SER A 132 -15.95 7.35 9.73
C SER A 132 -16.54 6.20 10.55
N VAL A 133 -16.19 6.11 11.83
CA VAL A 133 -16.58 5.00 12.69
C VAL A 133 -17.20 5.55 13.96
N GLN A 134 -17.83 4.66 14.72
CA GLN A 134 -18.48 4.99 15.98
C GLN A 134 -17.47 4.88 17.13
N VAL A 135 -17.70 5.65 18.20
CA VAL A 135 -16.96 5.45 19.43
C VAL A 135 -16.96 3.98 19.81
N GLY A 136 -15.78 3.47 20.19
CA GLY A 136 -15.56 2.10 20.59
C GLY A 136 -15.22 1.20 19.41
N GLY A 137 -15.32 1.74 18.19
CA GLY A 137 -15.09 1.00 16.98
C GLY A 137 -13.59 0.80 16.70
N SER A 138 -13.35 0.15 15.57
CA SER A 138 -12.03 -0.28 15.15
C SER A 138 -11.84 0.11 13.69
N LEU A 139 -10.57 0.32 13.31
CA LEU A 139 -10.20 0.63 11.95
C LEU A 139 -8.77 0.15 11.72
N ARG A 140 -8.42 -0.26 10.51
CA ARG A 140 -7.05 -0.59 10.19
C ARG A 140 -6.50 0.35 9.11
N LEU A 141 -5.44 1.12 9.41
CA LEU A 141 -4.79 1.95 8.38
C LEU A 141 -3.62 1.18 7.79
N SER A 142 -3.33 1.44 6.51
CA SER A 142 -2.19 0.88 5.79
C SER A 142 -1.38 2.03 5.23
N CYS A 143 -0.10 1.77 4.92
CA CYS A 143 0.78 2.75 4.31
C CYS A 143 1.70 1.97 3.36
N ALA A 144 1.61 2.29 2.08
CA ALA A 144 2.46 1.65 1.07
C ALA A 144 3.72 2.48 0.91
N THR A 145 4.88 1.83 0.96
CA THR A 145 6.14 2.51 0.68
C THR A 145 6.62 2.10 -0.70
N SER A 146 6.91 3.06 -1.54
CA SER A 146 7.35 2.74 -2.88
C SER A 146 8.65 3.50 -3.13
N GLY A 147 9.34 3.06 -4.18
CA GLY A 147 10.57 3.69 -4.59
C GLY A 147 11.76 2.90 -4.06
N ASP A 148 12.79 3.67 -3.70
CA ASP A 148 14.03 3.10 -3.19
C ASP A 148 13.93 2.92 -1.69
N THR A 149 13.26 1.87 -1.23
CA THR A 149 12.83 1.76 0.16
C THR A 149 13.86 1.05 1.03
N LYS A 150 14.95 0.51 0.44
CA LYS A 150 15.95 -0.23 1.20
C LYS A 150 16.63 0.56 2.32
N SER A 151 16.77 1.88 2.21
CA SER A 151 17.46 2.65 3.22
C SER A 151 16.65 2.82 4.50
N ILE A 152 15.33 2.60 4.46
CA ILE A 152 14.49 2.95 5.60
C ILE A 152 14.83 2.01 6.76
N ARG A 153 15.02 2.58 7.97
CA ARG A 153 15.26 1.79 9.14
C ARG A 153 14.10 1.83 10.12
N CYS A 154 13.33 2.91 10.11
CA CYS A 154 12.21 3.03 11.05
C CYS A 154 11.03 3.70 10.34
N MET A 155 9.82 3.25 10.70
CA MET A 155 8.62 3.86 10.18
C MET A 155 7.69 4.16 11.34
N GLY A 156 6.76 5.07 11.12
CA GLY A 156 5.79 5.36 12.14
C GLY A 156 4.59 6.16 11.66
N TRP A 157 3.78 6.55 12.65
CA TRP A 157 2.50 7.20 12.42
C TRP A 157 2.42 8.46 13.26
N PHE A 158 1.88 9.49 12.61
CA PHE A 158 1.59 10.78 13.21
C PHE A 158 0.12 11.09 12.98
N ARG A 159 -0.42 12.02 13.75
CA ARG A 159 -1.74 12.48 13.45
C ARG A 159 -1.84 13.96 13.76
N GLN A 160 -2.76 14.62 13.06
CA GLN A 160 -3.03 16.00 13.35
C GLN A 160 -4.51 16.30 13.19
N THR A 161 -5.05 16.94 14.22
CA THR A 161 -6.41 17.45 14.12
C THR A 161 -6.40 18.98 14.10
N PRO A 162 -7.26 19.59 13.25
CA PRO A 162 -7.43 21.04 13.17
C PRO A 162 -7.40 21.67 14.55
N GLY A 163 -6.56 22.70 14.67
CA GLY A 163 -6.42 23.47 15.89
C GLY A 163 -5.35 22.92 16.84
N LYS A 164 -4.68 21.80 16.51
CA LYS A 164 -3.76 21.17 17.45
C LYS A 164 -2.47 20.85 16.71
N GLU A 165 -1.40 20.72 17.47
CA GLU A 165 -0.09 20.39 16.96
C GLU A 165 -0.10 18.93 16.49
N ARG A 166 0.72 18.63 15.50
CA ARG A 166 0.87 17.26 15.06
C ARG A 166 1.43 16.44 16.22
N GLU A 167 1.02 15.15 16.31
CA GLU A 167 1.41 14.27 17.40
C GLU A 167 2.00 13.00 16.81
N GLY A 168 3.22 12.60 17.20
CA GLY A 168 3.75 11.29 16.82
C GLY A 168 3.17 10.22 17.74
N ILE A 169 2.62 9.13 17.20
CA ILE A 169 1.92 8.19 18.07
C ILE A 169 2.54 6.79 18.12
N ALA A 170 3.26 6.30 17.10
CA ALA A 170 3.85 4.97 17.20
C ALA A 170 4.95 4.91 16.15
N ALA A 171 5.91 4.02 16.39
CA ALA A 171 7.02 3.78 15.49
C ALA A 171 7.54 2.36 15.66
N ILE A 172 8.24 1.87 14.62
CA ILE A 172 8.70 0.50 14.57
C ILE A 172 9.93 0.40 13.68
N ASP A 173 10.85 -0.50 14.07
CA ASP A 173 12.03 -0.80 13.28
C ASP A 173 11.84 -2.07 12.45
N ARG A 174 12.81 -2.41 11.60
CA ARG A 174 12.73 -3.57 10.74
C ARG A 174 12.61 -4.87 11.53
N GLU A 175 13.10 -4.93 12.78
CA GLU A 175 13.01 -6.15 13.56
C GLU A 175 11.65 -6.26 14.24
N GLY A 176 10.88 -5.18 14.27
CA GLY A 176 9.56 -5.19 14.85
C GLY A 176 9.50 -4.60 16.27
N PHE A 177 10.58 -3.98 16.73
CA PHE A 177 10.55 -3.30 18.02
C PHE A 177 9.79 -1.97 17.85
N ALA A 178 8.79 -1.75 18.70
CA ALA A 178 7.92 -0.60 18.60
C ALA A 178 7.78 0.12 19.93
N THR A 179 7.48 1.42 19.85
CA THR A 179 7.08 2.21 21.01
C THR A 179 5.86 3.03 20.61
N TYR A 180 5.12 3.51 21.60
CA TYR A 180 3.84 4.14 21.46
C TYR A 180 3.78 5.41 22.31
N ALA A 181 2.97 6.36 21.86
CA ALA A 181 2.61 7.46 22.73
C ALA A 181 1.67 6.91 23.79
N ASP A 182 1.74 7.43 25.02
CA ASP A 182 0.84 7.02 26.08
C ASP A 182 -0.65 7.18 25.69
N SER A 183 -0.97 8.19 24.88
CA SER A 183 -2.33 8.50 24.39
C SER A 183 -3.00 7.33 23.65
N VAL A 184 -2.22 6.46 23.00
CA VAL A 184 -2.75 5.37 22.19
C VAL A 184 -2.31 4.00 22.71
N TYR A 185 -1.42 3.94 23.71
CA TYR A 185 -0.95 2.64 24.14
C TYR A 185 -2.10 1.71 24.61
N ASP A 186 -1.98 0.43 24.25
CA ASP A 186 -2.90 -0.64 24.58
C ASP A 186 -4.24 -0.48 23.85
N ARG A 187 -4.33 0.47 22.91
CA ARG A 187 -5.50 0.63 22.05
C ARG A 187 -5.09 0.42 20.60
N PHE A 188 -3.94 0.99 20.21
CA PHE A 188 -3.47 0.93 18.83
C PHE A 188 -2.27 0.01 18.79
N THR A 189 -2.09 -0.67 17.67
CA THR A 189 -0.92 -1.52 17.43
C THR A 189 -0.33 -1.12 16.08
N ILE A 190 0.99 -0.94 16.05
CA ILE A 190 1.69 -0.73 14.79
C ILE A 190 2.31 -2.05 14.39
N ALA A 191 2.24 -2.36 13.11
CA ALA A 191 2.78 -3.60 12.59
C ALA A 191 3.30 -3.33 11.19
N GLN A 192 4.05 -4.26 10.67
CA GLN A 192 4.56 -4.07 9.33
C GLN A 192 4.50 -5.38 8.58
N ASP A 193 4.81 -5.27 7.30
CA ASP A 193 5.15 -6.42 6.48
C ASP A 193 6.20 -5.94 5.49
N ASN A 194 7.45 -5.80 5.94
CA ASN A 194 8.41 -5.04 5.14
C ASN A 194 8.79 -5.85 3.90
N ALA A 195 8.62 -7.18 3.99
CA ALA A 195 8.72 -8.01 2.81
C ALA A 195 7.76 -7.49 1.74
N GLN A 196 6.65 -6.86 2.20
CA GLN A 196 5.58 -6.34 1.35
C GLN A 196 5.54 -4.81 1.33
N ASN A 197 6.54 -4.15 1.95
CA ASN A 197 6.67 -2.72 1.86
C ASN A 197 5.40 -2.06 2.40
N THR A 198 4.79 -2.67 3.43
CA THR A 198 3.57 -2.12 4.00
C THR A 198 3.68 -1.91 5.50
N LEU A 199 3.16 -0.77 5.98
CA LEU A 199 3.07 -0.47 7.40
C LEU A 199 1.58 -0.41 7.77
N TYR A 200 1.21 -0.90 8.95
CA TYR A 200 -0.15 -0.90 9.44
C TYR A 200 -0.28 -0.14 10.76
N LEU A 201 -1.49 0.37 10.99
CA LEU A 201 -1.93 0.85 12.28
C LEU A 201 -3.28 0.22 12.57
N GLU A 202 -3.30 -0.75 13.49
CA GLU A 202 -4.56 -1.30 13.95
C GLU A 202 -5.11 -0.40 15.05
N MET A 203 -6.31 0.12 14.85
CA MET A 203 -6.91 1.03 15.82
C MET A 203 -8.13 0.37 16.44
N ASN A 204 -8.13 0.27 17.78
CA ASN A 204 -9.23 -0.31 18.53
C ASN A 204 -9.64 0.67 19.61
N ALA A 205 -10.83 0.45 20.17
CA ALA A 205 -11.36 1.25 21.24
C ALA A 205 -11.24 2.74 20.90
N LEU A 206 -11.74 3.11 19.73
CA LEU A 206 -11.59 4.48 19.24
C LEU A 206 -12.42 5.46 20.07
N LYS A 207 -11.85 6.66 20.27
CA LYS A 207 -12.48 7.74 21.02
C LYS A 207 -12.65 8.94 20.11
N PRO A 208 -13.54 9.88 20.43
CA PRO A 208 -13.71 11.06 19.61
C PRO A 208 -12.41 11.84 19.40
N GLU A 209 -11.59 11.84 20.45
CA GLU A 209 -10.30 12.52 20.50
C GLU A 209 -9.34 11.92 19.48
N ASP A 210 -9.68 10.78 18.93
CA ASP A 210 -8.81 10.14 17.95
C ASP A 210 -9.04 10.68 16.54
N THR A 211 -10.10 11.51 16.36
CA THR A 211 -10.47 12.11 15.08
C THR A 211 -9.32 13.01 14.61
N ALA A 212 -8.78 12.74 13.42
CA ALA A 212 -7.59 13.41 12.97
C ALA A 212 -7.24 12.93 11.57
N MET A 213 -6.38 13.71 10.89
CA MET A 213 -5.69 13.21 9.72
C MET A 213 -4.50 12.40 10.21
N TYR A 214 -4.32 11.18 9.68
CA TYR A 214 -3.29 10.28 10.09
C TYR A 214 -2.26 10.21 8.96
N TYR A 215 -0.99 10.27 9.32
CA TYR A 215 0.07 10.23 8.33
C TYR A 215 1.09 9.18 8.68
N CYS A 216 1.62 8.47 7.65
CA CYS A 216 2.77 7.62 7.89
C CYS A 216 4.06 8.36 7.55
N ALA A 217 5.13 7.92 8.22
CA ALA A 217 6.43 8.56 8.17
C ALA A 217 7.52 7.50 8.14
N ALA A 218 8.65 7.86 7.53
CA ALA A 218 9.78 6.96 7.52
C ALA A 218 11.09 7.73 7.74
N GLN A 219 12.11 6.99 8.22
CA GLN A 219 13.42 7.59 8.35
C GLN A 219 14.53 6.58 8.11
N ASN A 220 15.70 7.11 7.71
CA ASN A 220 16.85 6.27 7.42
C ASN A 220 17.66 5.98 8.69
N MET A 221 17.47 6.77 9.73
CA MET A 221 18.09 6.54 11.02
C MET A 221 17.04 6.71 12.10
N CYS A 222 16.92 5.67 12.95
CA CYS A 222 15.88 5.62 13.97
C CYS A 222 16.12 6.69 15.02
N ARG A 223 15.13 7.55 15.22
CA ARG A 223 15.17 8.49 16.32
C ARG A 223 13.73 8.69 16.81
N VAL A 224 13.45 8.10 17.97
CA VAL A 224 12.09 8.01 18.47
C VAL A 224 12.13 8.10 19.97
N VAL A 225 11.22 8.89 20.52
CA VAL A 225 10.99 8.87 21.95
C VAL A 225 9.51 8.64 22.20
N ARG A 226 9.18 7.56 22.95
CA ARG A 226 7.81 7.23 23.29
C ARG A 226 6.87 7.35 22.08
N GLY A 227 7.20 6.68 20.97
CA GLY A 227 6.32 6.63 19.82
C GLY A 227 6.46 7.79 18.85
N ALA A 228 7.15 8.86 19.27
CA ALA A 228 7.24 10.08 18.47
C ALA A 228 8.59 10.13 17.76
N MET A 229 8.53 10.06 16.44
CA MET A 229 9.70 10.18 15.59
C MET A 229 10.17 11.65 15.47
N THR A 230 11.50 11.89 15.53
CA THR A 230 12.07 13.16 15.08
C THR A 230 13.10 12.86 14.00
N GLY A 231 13.45 13.87 13.20
CA GLY A 231 14.31 13.63 12.05
C GLY A 231 13.66 12.75 10.98
N VAL A 232 12.39 13.05 10.66
CA VAL A 232 11.65 12.30 9.64
C VAL A 232 12.15 12.64 8.26
N ASP A 233 12.45 11.62 7.45
CA ASP A 233 12.92 11.83 6.10
C ASP A 233 11.77 11.86 5.08
N TYR A 234 10.75 11.02 5.24
CA TYR A 234 9.74 10.85 4.20
C TYR A 234 8.39 10.77 4.90
N TRP A 235 7.33 11.18 4.23
CA TRP A 235 6.00 11.15 4.82
C TRP A 235 4.91 11.18 3.76
N GLY A 236 3.73 10.70 4.17
CA GLY A 236 2.62 10.58 3.25
C GLY A 236 1.72 11.81 3.21
N LYS A 237 0.59 11.64 2.55
CA LYS A 237 -0.31 12.74 2.26
C LYS A 237 -1.50 12.73 3.21
N GLY A 238 -1.73 11.61 3.90
CA GLY A 238 -2.74 11.63 4.96
C GLY A 238 -4.01 10.84 4.62
N THR A 239 -4.63 10.24 5.64
CA THR A 239 -5.96 9.65 5.54
C THR A 239 -6.76 10.08 6.76
N GLN A 240 -7.99 10.54 6.51
CA GLN A 240 -8.85 11.05 7.58
C GLN A 240 -9.55 9.93 8.35
N VAL A 241 -9.54 10.04 9.68
CA VAL A 241 -10.23 9.12 10.56
C VAL A 241 -11.18 9.98 11.41
N THR A 242 -12.46 9.62 11.42
CA THR A 242 -13.46 10.43 12.16
C THR A 242 -14.22 9.48 13.08
N VAL A 243 -14.26 9.81 14.37
CA VAL A 243 -14.84 8.96 15.36
C VAL A 243 -15.94 9.80 16.01
N SER A 244 -17.16 9.32 15.91
CA SER A 244 -18.33 10.08 16.32
C SER A 244 -19.41 9.15 16.87
N SER A 245 -20.46 9.76 17.42
CA SER A 245 -21.70 9.08 17.77
C SER A 245 -22.87 9.91 17.23
N ALA A 246 -23.85 9.25 16.61
CA ALA A 246 -24.90 9.96 15.89
C ALA A 246 -26.09 10.17 16.83
#